data_7T2E
#
_entry.id   7T2E
#
_cell.length_a   1.00
_cell.length_b   1.00
_cell.length_c   1.00
_cell.angle_alpha   90.00
_cell.angle_beta   90.00
_cell.angle_gamma   90.00
#
_symmetry.space_group_name_H-M   'P 1'
#
_entity_poly.entity_id   1
_entity_poly.type   'polypeptide(L)'
_entity_poly.pdbx_seq_one_letter_code
;PVPNPTMPVKGAGTTLWVYKGSGDPYANPLSDVDWSRLAKVKDLTPGELTAESYDDSYLDDEDADWTATGQGQKSAGDTS
FTLAWMPGEQGQQALLAWFNEGDTRAYKIRFPNGTVDVFRGWVSSIGKAVTAKEVITRTVKVTNVGRPSMAEDRST
;
_entity_poly.pdbx_strand_id   A,B
#
# COMPACT_ATOMS: atom_id res chain seq x y z
N PRO A 1 -0.37 15.30 4.83
CA PRO A 1 -0.11 16.11 6.02
C PRO A 1 1.04 17.10 5.81
N VAL A 2 2.08 16.67 5.10
CA VAL A 2 3.26 17.49 4.86
C VAL A 2 3.51 17.55 3.35
N PRO A 3 2.75 18.34 2.59
CA PRO A 3 3.07 18.52 1.17
C PRO A 3 4.16 19.56 0.96
N ASN A 4 5.36 19.22 1.40
CA ASN A 4 6.51 20.12 1.37
C ASN A 4 7.47 19.69 0.28
N PRO A 5 7.63 20.45 -0.80
CA PRO A 5 8.62 20.10 -1.82
C PRO A 5 10.05 20.45 -1.45
N THR A 6 10.30 20.94 -0.24
CA THR A 6 11.65 21.25 0.23
C THR A 6 12.16 20.24 1.24
N MET A 7 11.47 19.12 1.41
CA MET A 7 11.86 18.09 2.35
C MET A 7 11.64 16.73 1.71
N PRO A 8 12.36 15.71 2.17
CA PRO A 8 12.20 14.37 1.57
C PRO A 8 10.79 13.83 1.76
N VAL A 9 10.36 13.00 0.80
CA VAL A 9 9.04 12.38 0.82
C VAL A 9 9.21 10.91 0.46
N LYS A 10 8.28 10.07 0.95
CA LYS A 10 8.49 8.63 0.87
C LYS A 10 7.98 8.05 -0.45
N GLY A 11 7.18 8.80 -1.20
CA GLY A 11 6.79 8.38 -2.53
C GLY A 11 5.69 7.35 -2.60
N ALA A 12 5.02 7.04 -1.49
CA ALA A 12 3.86 6.17 -1.50
C ALA A 12 2.63 7.00 -1.80
N GLY A 13 1.94 6.67 -2.90
CA GLY A 13 0.85 7.46 -3.40
C GLY A 13 1.13 8.16 -4.71
N THR A 14 2.07 7.66 -5.50
CA THR A 14 2.39 8.25 -6.80
C THR A 14 1.43 7.75 -7.86
N THR A 15 0.95 8.63 -8.72
CA THR A 15 -0.09 8.29 -9.67
C THR A 15 0.34 8.61 -11.10
N LEU A 16 -0.21 7.84 -12.05
CA LEU A 16 0.09 7.96 -13.47
C LEU A 16 -1.16 8.40 -14.22
N TRP A 17 -1.01 9.37 -15.11
CA TRP A 17 -2.13 9.91 -15.87
C TRP A 17 -1.75 10.05 -17.33
N VAL A 18 -2.74 10.03 -18.21
CA VAL A 18 -2.56 10.17 -19.65
C VAL A 18 -3.49 11.26 -20.16
N TYR A 19 -2.99 12.09 -21.08
CA TYR A 19 -3.77 13.23 -21.57
C TYR A 19 -4.80 12.79 -22.61
N LYS A 20 -5.99 13.38 -22.55
CA LYS A 20 -7.05 13.16 -23.53
C LYS A 20 -7.68 14.50 -23.93
N GLY A 21 -6.84 15.49 -24.19
CA GLY A 21 -7.34 16.81 -24.52
C GLY A 21 -6.70 17.35 -25.78
N SER A 22 -7.25 18.47 -26.26
CA SER A 22 -6.77 19.14 -27.45
C SER A 22 -5.96 20.38 -27.15
N GLY A 23 -5.71 20.68 -25.88
CA GLY A 23 -4.96 21.86 -25.49
C GLY A 23 -3.48 21.60 -25.34
N ASP A 24 -2.86 22.36 -24.45
CA ASP A 24 -1.43 22.20 -24.17
C ASP A 24 -1.25 21.43 -22.88
N PRO A 25 -0.69 20.21 -22.93
CA PRO A 25 -0.47 19.46 -21.68
C PRO A 25 0.51 20.12 -20.72
N TYR A 26 1.42 20.95 -21.23
CA TYR A 26 2.42 21.61 -20.40
C TYR A 26 1.92 22.89 -19.76
N ALA A 27 0.79 23.43 -20.20
CA ALA A 27 0.36 24.75 -19.72
C ALA A 27 -0.08 24.71 -18.27
N ASN A 28 -0.94 23.75 -17.92
CA ASN A 28 -1.51 23.66 -16.58
C ASN A 28 -1.55 22.19 -16.17
N PRO A 29 -0.40 21.60 -15.84
CA PRO A 29 -0.38 20.17 -15.49
C PRO A 29 -0.98 19.88 -14.12
N LEU A 30 -1.19 20.88 -13.28
CA LEU A 30 -1.76 20.62 -11.96
C LEU A 30 -3.25 20.30 -12.03
N SER A 31 -3.92 20.71 -13.10
CA SER A 31 -5.32 20.40 -13.27
C SER A 31 -5.50 18.97 -13.75
N ASP A 32 -6.53 18.30 -13.25
CA ASP A 32 -6.83 16.92 -13.61
C ASP A 32 -7.95 16.82 -14.64
N VAL A 33 -8.36 17.95 -15.22
CA VAL A 33 -9.38 17.94 -16.27
C VAL A 33 -8.73 17.47 -17.57
N ASP A 34 -9.38 16.53 -18.25
CA ASP A 34 -8.94 15.93 -19.50
C ASP A 34 -7.74 15.01 -19.32
N TRP A 35 -7.54 14.48 -18.11
CA TRP A 35 -6.53 13.47 -17.85
C TRP A 35 -7.21 12.23 -17.29
N SER A 36 -6.68 11.06 -17.66
CA SER A 36 -7.24 9.79 -17.23
C SER A 36 -6.20 9.01 -16.43
N ARG A 37 -6.61 8.46 -15.30
CA ARG A 37 -5.70 7.76 -14.41
C ARG A 37 -5.47 6.33 -14.86
N LEU A 38 -4.27 5.82 -14.58
CA LEU A 38 -3.93 4.42 -14.76
C LEU A 38 -3.76 3.82 -13.37
N ALA A 39 -4.79 3.15 -12.89
CA ALA A 39 -4.83 2.66 -11.52
C ALA A 39 -4.09 1.33 -11.37
N LYS A 40 -3.83 0.97 -10.11
CA LYS A 40 -3.19 -0.29 -9.76
C LYS A 40 -1.77 -0.39 -10.34
N VAL A 41 -0.94 0.59 -10.00
CA VAL A 41 0.45 0.61 -10.42
C VAL A 41 1.27 -0.19 -9.41
N LYS A 42 2.01 -1.18 -9.90
CA LYS A 42 2.82 -2.02 -9.04
C LYS A 42 4.28 -1.58 -8.97
N ASP A 43 4.79 -0.97 -10.03
CA ASP A 43 6.19 -0.60 -10.11
C ASP A 43 6.35 0.50 -11.15
N LEU A 44 7.22 1.46 -10.86
CA LEU A 44 7.42 2.61 -11.75
C LEU A 44 8.90 2.94 -11.82
N THR A 45 9.38 3.26 -13.02
CA THR A 45 10.76 3.68 -13.25
C THR A 45 10.74 4.83 -14.25
N PRO A 46 10.93 6.07 -13.80
CA PRO A 46 10.88 7.22 -14.71
C PRO A 46 12.10 7.25 -15.63
N GLY A 47 11.93 7.97 -16.74
CA GLY A 47 13.02 8.08 -17.70
C GLY A 47 14.19 8.88 -17.17
N GLU A 48 15.37 8.55 -17.66
CA GLU A 48 16.60 9.19 -17.23
C GLU A 48 17.08 10.16 -18.31
N LEU A 49 17.36 11.38 -17.91
CA LEU A 49 17.88 12.38 -18.83
C LEU A 49 19.38 12.22 -18.98
N THR A 50 19.85 12.11 -20.22
CA THR A 50 21.27 11.91 -20.49
C THR A 50 21.70 12.81 -21.63
N ALA A 51 23.01 12.96 -21.79
CA ALA A 51 23.57 13.76 -22.86
C ALA A 51 24.81 13.08 -23.41
N GLU A 52 25.04 13.27 -24.72
CA GLU A 52 26.23 12.75 -25.36
C GLU A 52 27.41 13.70 -25.16
N SER A 53 28.60 13.23 -25.52
CA SER A 53 29.82 14.00 -25.40
C SER A 53 30.30 14.46 -26.77
N TYR A 54 30.82 15.67 -26.84
CA TYR A 54 31.34 16.25 -28.07
C TYR A 54 32.83 16.55 -27.88
N ASP A 55 33.64 16.14 -28.85
CA ASP A 55 35.08 16.32 -28.74
C ASP A 55 35.46 17.75 -29.06
N ASP A 56 36.21 18.38 -28.16
CA ASP A 56 36.63 19.77 -28.29
C ASP A 56 38.10 19.91 -28.62
N SER A 57 38.78 18.82 -28.96
CA SER A 57 40.22 18.87 -29.19
C SER A 57 40.55 19.50 -30.54
N TYR A 58 41.67 20.20 -30.57
CA TYR A 58 42.23 20.77 -31.80
C TYR A 58 43.69 20.42 -31.88
N LEU A 59 44.26 20.57 -33.08
CA LEU A 59 45.68 20.26 -33.26
C LEU A 59 46.56 21.33 -32.62
N ASP A 60 46.04 22.55 -32.48
CA ASP A 60 46.83 23.67 -31.98
C ASP A 60 46.77 23.85 -30.48
N ASP A 61 46.06 23.00 -29.75
CA ASP A 61 45.98 23.16 -28.30
C ASP A 61 47.36 23.03 -27.68
N GLU A 62 47.70 23.95 -26.78
CA GLU A 62 48.98 23.89 -26.11
C GLU A 62 48.99 22.79 -25.05
N ASP A 63 47.84 22.50 -24.46
CA ASP A 63 47.69 21.44 -23.47
C ASP A 63 46.89 20.30 -24.09
N ALA A 64 47.54 19.15 -24.24
CA ALA A 64 46.90 17.96 -24.76
C ALA A 64 47.08 16.75 -23.87
N ASP A 65 47.56 16.95 -22.64
CA ASP A 65 47.76 15.83 -21.73
C ASP A 65 46.42 15.30 -21.19
N TRP A 66 45.44 16.18 -21.03
CA TRP A 66 44.14 15.82 -20.49
C TRP A 66 43.07 16.03 -21.55
N THR A 67 42.08 15.15 -21.56
CA THR A 67 40.99 15.25 -22.52
C THR A 67 40.07 16.41 -22.18
N ALA A 68 39.51 17.04 -23.21
CA ALA A 68 38.54 18.12 -23.05
C ALA A 68 37.33 17.83 -23.92
N THR A 69 36.14 17.89 -23.33
CA THR A 69 34.91 17.57 -24.02
C THR A 69 33.84 18.61 -23.69
N GLY A 70 32.70 18.47 -24.34
CA GLY A 70 31.56 19.33 -24.07
C GLY A 70 30.27 18.53 -24.14
N GLN A 71 29.19 19.16 -23.66
CA GLN A 71 27.89 18.51 -23.67
C GLN A 71 27.34 18.44 -25.10
N GLY A 72 26.82 17.28 -25.46
CA GLY A 72 26.26 17.08 -26.78
C GLY A 72 24.75 17.09 -26.80
N GLN A 73 24.15 16.22 -27.61
CA GLN A 73 22.70 16.15 -27.71
C GLN A 73 22.12 15.45 -26.48
N LYS A 74 20.93 15.88 -26.07
CA LYS A 74 20.29 15.39 -24.88
C LYS A 74 19.14 14.46 -25.22
N SER A 75 18.87 13.51 -24.31
CA SER A 75 17.82 12.52 -24.49
C SER A 75 17.00 12.42 -23.21
N ALA A 76 15.77 11.94 -23.34
CA ALA A 76 14.84 11.87 -22.23
C ALA A 76 14.62 10.46 -21.69
N GLY A 77 15.17 9.43 -22.35
CA GLY A 77 15.12 8.10 -21.82
C GLY A 77 13.82 7.36 -22.10
N ASP A 78 13.60 6.29 -21.34
CA ASP A 78 12.40 5.47 -21.42
C ASP A 78 11.78 5.34 -20.04
N THR A 79 10.46 5.46 -19.97
CA THR A 79 9.70 5.26 -18.74
C THR A 79 9.06 3.88 -18.76
N SER A 80 9.26 3.12 -17.69
CA SER A 80 8.78 1.74 -17.65
C SER A 80 7.96 1.50 -16.39
N PHE A 81 6.75 0.94 -16.55
CA PHE A 81 5.91 0.69 -15.40
C PHE A 81 5.15 -0.63 -15.54
N THR A 82 4.58 -1.07 -14.42
CA THR A 82 3.83 -2.32 -14.32
C THR A 82 2.49 -2.06 -13.66
N LEU A 83 1.42 -2.53 -14.29
CA LEU A 83 0.07 -2.42 -13.76
C LEU A 83 -0.50 -3.81 -13.53
N ALA A 84 -1.63 -3.86 -12.84
CA ALA A 84 -2.41 -5.09 -12.77
C ALA A 84 -3.27 -5.21 -14.03
N TRP A 85 -3.26 -6.40 -14.64
CA TRP A 85 -3.89 -6.58 -15.93
C TRP A 85 -5.41 -6.61 -15.77
N MET A 86 -6.08 -5.65 -16.41
CA MET A 86 -7.55 -5.55 -16.38
C MET A 86 -8.01 -5.10 -17.76
N PRO A 87 -8.25 -6.04 -18.66
CA PRO A 87 -8.61 -5.64 -20.04
C PRO A 87 -9.94 -4.92 -20.14
N GLY A 88 -10.80 -5.03 -19.14
CA GLY A 88 -12.09 -4.35 -19.19
C GLY A 88 -12.01 -2.87 -18.89
N GLU A 89 -10.95 -2.44 -18.20
CA GLU A 89 -10.79 -1.03 -17.87
C GLU A 89 -10.59 -0.20 -19.12
N GLN A 90 -11.13 1.02 -19.12
CA GLN A 90 -11.01 1.89 -20.28
C GLN A 90 -9.58 2.41 -20.44
N GLY A 91 -8.86 2.58 -19.33
CA GLY A 91 -7.50 3.05 -19.42
C GLY A 91 -6.58 2.10 -20.17
N GLN A 92 -6.74 0.80 -19.92
CA GLN A 92 -5.88 -0.18 -20.59
C GLN A 92 -6.27 -0.36 -22.05
N GLN A 93 -7.55 -0.23 -22.36
CA GLN A 93 -7.98 -0.21 -23.76
C GLN A 93 -7.38 0.98 -24.49
N ALA A 94 -7.39 2.15 -23.86
CA ALA A 94 -6.77 3.32 -24.46
C ALA A 94 -5.27 3.16 -24.61
N LEU A 95 -4.63 2.49 -23.64
CA LEU A 95 -3.20 2.21 -23.75
C LEU A 95 -2.89 1.30 -24.93
N LEU A 96 -3.71 0.25 -25.13
CA LEU A 96 -3.51 -0.63 -26.28
C LEU A 96 -3.74 0.09 -27.59
N ALA A 97 -4.76 0.96 -27.65
CA ALA A 97 -4.98 1.76 -28.85
C ALA A 97 -3.82 2.72 -29.09
N TRP A 98 -3.25 3.27 -28.02
CA TRP A 98 -2.08 4.13 -28.13
C TRP A 98 -0.90 3.37 -28.73
N PHE A 99 -0.68 2.14 -28.28
CA PHE A 99 0.39 1.34 -28.87
C PHE A 99 0.11 1.03 -30.34
N ASN A 100 -1.13 0.68 -30.66
CA ASN A 100 -1.44 0.26 -32.02
C ASN A 100 -1.34 1.42 -33.01
N GLU A 101 -1.80 2.61 -32.63
CA GLU A 101 -1.86 3.71 -33.58
C GLU A 101 -0.48 4.31 -33.83
N GLY A 102 0.39 4.31 -32.82
CA GLY A 102 1.72 4.85 -32.98
C GLY A 102 1.87 6.32 -32.74
N ASP A 103 0.94 6.95 -32.01
CA ASP A 103 0.99 8.37 -31.77
C ASP A 103 1.97 8.71 -30.65
N THR A 104 2.36 9.99 -30.61
CA THR A 104 3.12 10.55 -29.50
C THR A 104 2.17 11.33 -28.61
N ARG A 105 2.00 10.88 -27.38
CA ARG A 105 1.02 11.47 -26.47
C ARG A 105 1.71 11.87 -25.16
N ALA A 106 1.00 12.65 -24.36
CA ALA A 106 1.54 13.21 -23.13
C ALA A 106 1.00 12.47 -21.92
N TYR A 107 1.86 12.31 -20.92
CA TYR A 107 1.48 11.64 -19.68
C TYR A 107 2.15 12.32 -18.48
N LYS A 108 1.55 12.12 -17.32
CA LYS A 108 1.93 12.77 -16.07
C LYS A 108 2.24 11.74 -15.01
N ILE A 109 3.21 12.08 -14.17
CA ILE A 109 3.46 11.41 -12.90
C ILE A 109 3.25 12.43 -11.80
N ARG A 110 2.40 12.08 -10.83
CA ARG A 110 2.09 12.96 -9.70
C ARG A 110 2.64 12.34 -8.42
N PHE A 111 3.42 13.12 -7.68
CA PHE A 111 4.15 12.74 -6.48
C PHE A 111 3.46 13.24 -5.23
N PRO A 112 3.67 12.58 -4.09
CA PRO A 112 2.91 12.92 -2.88
C PRO A 112 3.21 14.30 -2.31
N ASN A 113 4.29 14.97 -2.73
CA ASN A 113 4.59 16.28 -2.17
C ASN A 113 3.86 17.41 -2.89
N GLY A 114 3.16 17.10 -3.97
CA GLY A 114 2.38 18.08 -4.69
C GLY A 114 2.96 18.59 -5.99
N THR A 115 3.88 17.85 -6.61
CA THR A 115 4.52 18.25 -7.86
C THR A 115 4.26 17.19 -8.92
N VAL A 116 4.35 17.60 -10.18
CA VAL A 116 4.07 16.73 -11.31
C VAL A 116 5.23 16.76 -12.29
N ASP A 117 5.39 15.66 -13.02
CA ASP A 117 6.33 15.57 -14.12
C ASP A 117 5.55 15.18 -15.37
N VAL A 118 5.80 15.88 -16.47
CA VAL A 118 5.07 15.66 -17.71
C VAL A 118 6.04 15.24 -18.81
N PHE A 119 5.68 14.20 -19.55
CA PHE A 119 6.47 13.72 -20.67
C PHE A 119 5.57 13.56 -21.90
N ARG A 120 6.21 13.47 -23.06
CA ARG A 120 5.57 13.09 -24.31
C ARG A 120 6.35 11.92 -24.91
N GLY A 121 5.65 10.93 -25.43
CA GLY A 121 6.33 9.77 -25.95
C GLY A 121 5.40 8.81 -26.67
N TRP A 122 5.99 7.72 -27.14
CA TRP A 122 5.28 6.65 -27.84
C TRP A 122 5.64 5.30 -27.23
N VAL A 123 4.68 4.38 -27.24
CA VAL A 123 4.85 3.09 -26.59
C VAL A 123 5.74 2.20 -27.43
N SER A 124 6.71 1.54 -26.78
CA SER A 124 7.64 0.66 -27.48
C SER A 124 7.67 -0.76 -26.95
N SER A 125 6.85 -1.11 -25.97
CA SER A 125 6.82 -2.47 -25.45
C SER A 125 5.52 -2.70 -24.69
N ILE A 126 4.98 -3.91 -24.83
CA ILE A 126 3.78 -4.35 -24.14
C ILE A 126 3.96 -5.82 -23.77
N GLY A 127 3.88 -6.13 -22.47
CA GLY A 127 4.21 -7.46 -22.01
C GLY A 127 3.16 -8.01 -21.05
N LYS A 128 3.42 -9.23 -20.59
CA LYS A 128 2.53 -9.92 -19.66
C LYS A 128 3.33 -10.97 -18.91
N ALA A 129 2.91 -11.26 -17.67
CA ALA A 129 3.50 -12.31 -16.86
C ALA A 129 2.37 -13.11 -16.22
N VAL A 130 2.47 -14.44 -16.32
CA VAL A 130 1.44 -15.34 -15.82
C VAL A 130 2.08 -16.32 -14.84
N THR A 131 1.62 -16.29 -13.59
CA THR A 131 2.05 -17.21 -12.56
C THR A 131 0.83 -17.65 -11.77
N ALA A 132 0.87 -18.89 -11.26
CA ALA A 132 -0.31 -19.47 -10.63
C ALA A 132 -0.70 -18.72 -9.36
N LYS A 133 0.26 -18.32 -8.55
CA LYS A 133 -0.01 -17.75 -7.24
C LYS A 133 0.09 -16.23 -7.19
N GLU A 134 0.24 -15.57 -8.34
CA GLU A 134 0.38 -14.12 -8.37
C GLU A 134 -0.55 -13.52 -9.41
N VAL A 135 -0.98 -12.29 -9.15
CA VAL A 135 -1.87 -11.59 -10.07
C VAL A 135 -1.15 -11.33 -11.39
N ILE A 136 -1.87 -11.51 -12.50
CA ILE A 136 -1.31 -11.26 -13.81
C ILE A 136 -1.05 -9.77 -13.98
N THR A 137 0.14 -9.44 -14.49
CA THR A 137 0.58 -8.05 -14.61
C THR A 137 0.77 -7.66 -16.06
N ARG A 138 0.63 -6.36 -16.32
CA ARG A 138 0.83 -5.77 -17.63
C ARG A 138 2.03 -4.82 -17.57
N THR A 139 2.98 -4.99 -18.48
CA THR A 139 4.23 -4.26 -18.46
C THR A 139 4.28 -3.30 -19.64
N VAL A 140 4.63 -2.04 -19.38
CA VAL A 140 4.61 -1.00 -20.41
C VAL A 140 5.94 -0.25 -20.40
N LYS A 141 6.42 0.09 -21.60
CA LYS A 141 7.60 0.92 -21.80
C LYS A 141 7.29 2.01 -22.82
N VAL A 142 7.66 3.24 -22.50
CA VAL A 142 7.37 4.41 -23.33
C VAL A 142 8.69 5.13 -23.62
N THR A 143 8.92 5.42 -24.90
CA THR A 143 10.09 6.19 -25.33
C THR A 143 9.69 7.66 -25.46
N ASN A 144 10.46 8.53 -24.81
CA ASN A 144 10.12 9.93 -24.69
C ASN A 144 10.73 10.77 -25.81
N VAL A 145 10.01 11.79 -26.23
CA VAL A 145 10.38 12.61 -27.37
C VAL A 145 10.47 14.07 -26.93
N GLY A 146 11.58 14.72 -27.26
CA GLY A 146 11.72 16.13 -27.00
C GLY A 146 12.08 16.46 -25.56
N ARG A 147 11.80 17.71 -25.18
CA ARG A 147 12.12 18.25 -23.87
C ARG A 147 10.97 18.04 -22.90
N PRO A 148 11.20 17.40 -21.76
CA PRO A 148 10.13 17.24 -20.78
C PRO A 148 9.92 18.49 -19.94
N SER A 149 8.90 18.43 -19.09
CA SER A 149 8.57 19.52 -18.18
C SER A 149 8.73 19.02 -16.75
N MET A 150 9.92 19.17 -16.19
CA MET A 150 10.22 18.66 -14.87
C MET A 150 9.55 19.51 -13.79
N ALA A 151 9.54 18.96 -12.57
CA ALA A 151 8.92 19.68 -11.45
C ALA A 151 9.64 20.99 -11.16
N GLU A 152 10.98 20.98 -11.26
CA GLU A 152 11.76 22.18 -10.94
C GLU A 152 11.45 23.34 -11.89
N ASP A 153 10.81 23.06 -13.03
CA ASP A 153 10.38 24.14 -13.91
C ASP A 153 9.30 25.00 -13.26
N ARG A 154 8.46 24.39 -12.43
CA ARG A 154 7.35 25.09 -11.79
C ARG A 154 7.62 25.47 -10.35
N SER A 155 8.88 25.38 -9.90
CA SER A 155 9.20 25.69 -8.51
C SER A 155 9.01 27.17 -8.22
N THR A 156 9.40 28.03 -9.15
CA THR A 156 9.30 29.48 -9.00
C THR A 156 9.96 29.97 -7.71
N PRO B 1 -17.65 -3.67 41.54
CA PRO B 1 -18.94 -2.98 41.45
C PRO B 1 -19.23 -2.47 40.04
N VAL B 2 -19.52 -1.17 39.93
CA VAL B 2 -19.74 -0.58 38.61
C VAL B 2 -18.44 -0.63 37.83
N PRO B 3 -18.45 -1.04 36.56
CA PRO B 3 -17.19 -1.09 35.80
C PRO B 3 -16.54 0.28 35.70
N ASN B 4 -15.21 0.30 35.83
CA ASN B 4 -14.44 1.54 35.83
C ASN B 4 -13.23 1.35 34.92
N PRO B 5 -13.13 2.09 33.82
CA PRO B 5 -11.97 1.96 32.92
C PRO B 5 -10.73 2.71 33.38
N THR B 6 -10.78 3.41 34.51
CA THR B 6 -9.63 4.12 35.05
C THR B 6 -8.95 3.35 36.18
N MET B 7 -9.33 2.11 36.43
CA MET B 7 -8.78 1.27 37.46
C MET B 7 -8.50 -0.11 36.90
N PRO B 8 -7.57 -0.85 37.50
CA PRO B 8 -7.28 -2.21 37.00
C PRO B 8 -8.47 -3.15 37.16
N VAL B 9 -8.55 -4.12 36.24
CA VAL B 9 -9.63 -5.10 36.21
C VAL B 9 -9.00 -6.48 36.03
N LYS B 10 -9.73 -7.52 36.43
CA LYS B 10 -9.14 -8.85 36.54
C LYS B 10 -9.24 -9.65 35.25
N GLY B 11 -10.22 -9.35 34.40
CA GLY B 11 -10.32 -9.96 33.10
C GLY B 11 -11.11 -11.25 33.04
N ALA B 12 -11.70 -11.68 34.16
CA ALA B 12 -12.62 -12.80 34.13
C ALA B 12 -13.98 -12.33 33.65
N GLY B 13 -14.46 -12.92 32.56
CA GLY B 13 -15.67 -12.47 31.91
C GLY B 13 -15.47 -11.83 30.55
N THR B 14 -14.34 -12.09 29.90
CA THR B 14 -14.07 -11.51 28.60
C THR B 14 -14.76 -12.33 27.51
N THR B 15 -15.42 -11.64 26.57
CA THR B 15 -16.18 -12.32 25.53
C THR B 15 -15.65 -11.98 24.15
N LEU B 16 -15.94 -12.85 23.19
CA LEU B 16 -15.44 -12.73 21.82
C LEU B 16 -16.61 -12.86 20.85
N TRP B 17 -16.72 -11.92 19.91
CA TRP B 17 -17.84 -11.86 18.98
C TRP B 17 -17.36 -11.66 17.56
N VAL B 18 -18.16 -12.11 16.60
CA VAL B 18 -17.88 -11.98 15.18
C VAL B 18 -19.06 -11.28 14.50
N TYR B 19 -18.76 -10.38 13.56
CA TYR B 19 -19.79 -9.58 12.91
C TYR B 19 -20.48 -10.36 11.81
N LYS B 20 -21.80 -10.20 11.72
CA LYS B 20 -22.60 -10.78 10.65
C LYS B 20 -23.32 -9.75 9.79
N GLY B 21 -23.37 -8.49 10.22
CA GLY B 21 -24.15 -7.48 9.54
C GLY B 21 -23.52 -6.99 8.26
N SER B 22 -24.13 -5.95 7.70
CA SER B 22 -23.69 -5.35 6.45
C SER B 22 -23.28 -3.90 6.57
N GLY B 23 -23.36 -3.32 7.76
CA GLY B 23 -23.02 -1.93 7.99
C GLY B 23 -21.56 -1.74 8.34
N ASP B 24 -21.28 -0.72 9.14
CA ASP B 24 -19.91 -0.42 9.56
C ASP B 24 -19.65 -1.05 10.93
N PRO B 25 -18.70 -1.97 11.05
CA PRO B 25 -18.44 -2.56 12.37
C PRO B 25 -17.82 -1.58 13.35
N TYR B 26 -17.08 -0.58 12.85
CA TYR B 26 -16.38 0.34 13.73
C TYR B 26 -17.28 1.47 14.23
N ALA B 27 -18.48 1.61 13.66
CA ALA B 27 -19.32 2.76 13.99
C ALA B 27 -19.84 2.68 15.42
N ASN B 28 -20.37 1.53 15.82
CA ASN B 28 -20.99 1.36 17.13
C ASN B 28 -20.72 -0.04 17.66
N PRO B 29 -19.48 -0.33 18.05
CA PRO B 29 -19.16 -1.67 18.56
C PRO B 29 -19.83 -1.99 19.89
N LEU B 30 -20.30 -0.99 20.63
CA LEU B 30 -20.90 -1.20 21.93
C LEU B 30 -22.27 -1.87 21.86
N SER B 31 -22.85 -2.00 20.68
CA SER B 31 -24.13 -2.66 20.49
C SER B 31 -23.90 -4.09 20.03
N ASP B 32 -24.68 -5.02 20.58
CA ASP B 32 -24.54 -6.43 20.27
C ASP B 32 -25.45 -6.89 19.13
N VAL B 33 -26.21 -5.97 18.53
CA VAL B 33 -27.04 -6.33 17.38
C VAL B 33 -26.14 -6.63 16.20
N ASP B 34 -26.44 -7.74 15.50
CA ASP B 34 -25.70 -8.23 14.34
C ASP B 34 -24.33 -8.78 14.70
N TRP B 35 -24.14 -9.26 15.92
CA TRP B 35 -22.92 -9.93 16.33
C TRP B 35 -23.26 -11.31 16.87
N SER B 36 -22.37 -12.27 16.65
CA SER B 36 -22.56 -13.64 17.12
C SER B 36 -21.42 -14.01 18.06
N ARG B 37 -21.77 -14.60 19.20
CA ARG B 37 -20.79 -14.87 20.24
C ARG B 37 -20.13 -16.23 20.02
N LEU B 38 -18.84 -16.31 20.35
CA LEU B 38 -18.10 -17.57 20.35
C LEU B 38 -17.93 -17.99 21.81
N ALA B 39 -18.81 -18.87 22.27
CA ALA B 39 -18.85 -19.24 23.68
C ALA B 39 -17.76 -20.25 24.01
N LYS B 40 -17.54 -20.44 25.32
CA LYS B 40 -16.62 -21.44 25.86
C LYS B 40 -15.17 -21.16 25.42
N VAL B 41 -14.68 -19.98 25.76
CA VAL B 41 -13.31 -19.61 25.44
C VAL B 41 -12.40 -20.10 26.58
N LYS B 42 -11.30 -20.75 26.21
CA LYS B 42 -10.31 -21.22 27.18
C LYS B 42 -9.08 -20.33 27.25
N ASP B 43 -8.54 -19.91 26.10
CA ASP B 43 -7.36 -19.06 26.06
C ASP B 43 -7.58 -17.99 25.00
N LEU B 44 -7.02 -16.80 25.26
CA LEU B 44 -7.14 -15.66 24.36
C LEU B 44 -5.85 -14.86 24.39
N THR B 45 -5.15 -14.81 23.25
CA THR B 45 -3.97 -13.97 23.08
C THR B 45 -4.28 -12.93 22.02
N PRO B 46 -4.51 -11.67 22.38
CA PRO B 46 -4.85 -10.66 21.38
C PRO B 46 -3.67 -10.31 20.49
N GLY B 47 -3.98 -9.65 19.38
CA GLY B 47 -2.95 -9.27 18.44
C GLY B 47 -2.06 -8.17 19.00
N GLU B 48 -0.81 -8.19 18.56
CA GLU B 48 0.20 -7.25 19.03
C GLU B 48 0.55 -6.27 17.92
N LEU B 49 0.39 -4.97 18.19
CA LEU B 49 0.71 -3.94 17.22
C LEU B 49 2.21 -3.68 17.23
N THR B 50 2.82 -3.75 16.05
CA THR B 50 4.26 -3.59 15.91
C THR B 50 4.57 -2.64 14.77
N ALA B 51 5.76 -2.05 14.81
CA ALA B 51 6.27 -1.20 13.75
C ALA B 51 7.72 -1.56 13.47
N GLU B 52 8.14 -1.31 12.24
CA GLU B 52 9.52 -1.58 11.83
C GLU B 52 10.29 -0.27 11.71
N SER B 53 11.61 -0.40 11.62
CA SER B 53 12.49 0.76 11.64
C SER B 53 12.87 1.20 10.24
N TYR B 54 13.06 2.51 10.09
CA TYR B 54 13.49 3.11 8.85
C TYR B 54 14.80 3.87 9.09
N ASP B 55 15.79 3.61 8.26
CA ASP B 55 17.11 4.22 8.42
C ASP B 55 17.07 5.67 7.96
N ASP B 56 17.65 6.56 8.78
CA ASP B 56 17.60 7.99 8.57
C ASP B 56 18.99 8.61 8.45
N SER B 57 19.97 7.84 7.96
CA SER B 57 21.35 8.28 7.93
C SER B 57 21.75 8.80 6.56
N TYR B 58 22.64 9.80 6.56
CA TYR B 58 23.17 10.39 5.34
C TYR B 58 24.68 10.47 5.45
N LEU B 59 25.34 10.56 4.29
CA LEU B 59 26.80 10.62 4.27
C LEU B 59 27.31 11.94 4.83
N ASP B 60 26.56 13.02 4.66
CA ASP B 60 27.03 14.33 5.10
C ASP B 60 26.66 14.63 6.55
N ASP B 61 26.02 13.70 7.25
CA ASP B 61 25.75 13.89 8.66
C ASP B 61 27.06 14.03 9.42
N GLU B 62 27.17 15.09 10.23
CA GLU B 62 28.42 15.36 10.94
C GLU B 62 28.72 14.27 11.96
N ASP B 63 27.70 13.81 12.69
CA ASP B 63 27.89 12.87 13.79
C ASP B 63 27.27 11.53 13.45
N ALA B 64 28.12 10.57 13.08
CA ALA B 64 27.70 9.19 12.88
C ALA B 64 28.07 8.30 14.06
N ASP B 65 28.30 8.91 15.24
CA ASP B 65 28.66 8.13 16.42
C ASP B 65 27.53 7.23 16.86
N TRP B 66 26.30 7.73 16.83
CA TRP B 66 25.13 7.00 17.30
C TRP B 66 24.17 6.78 16.13
N THR B 67 23.43 5.68 16.21
CA THR B 67 22.47 5.36 15.16
C THR B 67 21.25 6.27 15.25
N ALA B 68 20.62 6.52 14.10
CA ALA B 68 19.41 7.30 14.00
C ALA B 68 18.40 6.57 13.13
N THR B 69 17.18 6.43 13.64
CA THR B 69 16.14 5.71 12.92
C THR B 69 14.79 6.38 13.14
N GLY B 70 13.78 5.90 12.43
CA GLY B 70 12.43 6.39 12.59
C GLY B 70 11.43 5.25 12.45
N GLN B 71 10.18 5.56 12.77
CA GLN B 71 9.14 4.55 12.69
C GLN B 71 8.74 4.29 11.24
N GLY B 72 8.65 3.01 10.89
CA GLY B 72 8.29 2.59 9.55
C GLY B 72 6.84 2.15 9.47
N GLN B 73 6.61 1.06 8.73
CA GLN B 73 5.25 0.56 8.55
C GLN B 73 4.77 -0.16 9.79
N LYS B 74 3.46 -0.09 10.02
CA LYS B 74 2.83 -0.65 11.21
C LYS B 74 2.04 -1.90 10.86
N SER B 75 1.93 -2.81 11.83
CA SER B 75 1.21 -4.06 11.67
C SER B 75 0.28 -4.26 12.87
N ALA B 76 -0.70 -5.15 12.69
CA ALA B 76 -1.67 -5.43 13.74
C ALA B 76 -1.53 -6.83 14.34
N GLY B 77 -0.63 -7.65 13.81
CA GLY B 77 -0.32 -8.93 14.41
C GLY B 77 -1.41 -9.97 14.20
N ASP B 78 -1.28 -11.06 14.95
CA ASP B 78 -2.20 -12.19 14.90
C ASP B 78 -2.88 -12.37 16.25
N THR B 79 -4.14 -12.76 16.22
CA THR B 79 -4.92 -13.04 17.43
C THR B 79 -5.22 -14.53 17.49
N SER B 80 -4.92 -15.15 18.64
CA SER B 80 -5.11 -16.58 18.82
C SER B 80 -6.13 -16.83 19.92
N PHE B 81 -6.91 -17.90 19.79
CA PHE B 81 -7.80 -18.31 20.88
C PHE B 81 -8.08 -19.79 20.81
N THR B 82 -8.59 -20.30 21.93
CA THR B 82 -8.95 -21.71 22.09
C THR B 82 -10.39 -21.80 22.60
N LEU B 83 -11.12 -22.79 22.09
CA LEU B 83 -12.52 -22.99 22.45
C LEU B 83 -12.75 -24.46 22.74
N ALA B 84 -13.83 -24.74 23.47
CA ALA B 84 -14.33 -26.10 23.54
C ALA B 84 -14.91 -26.49 22.19
N TRP B 85 -14.56 -27.69 21.72
CA TRP B 85 -14.92 -28.10 20.37
C TRP B 85 -16.35 -28.61 20.37
N MET B 86 -17.24 -27.84 19.74
CA MET B 86 -18.66 -28.18 19.61
C MET B 86 -19.04 -28.00 18.15
N PRO B 87 -18.84 -29.02 17.31
CA PRO B 87 -19.07 -28.85 15.87
C PRO B 87 -20.51 -28.54 15.51
N GLY B 88 -21.47 -28.87 16.37
CA GLY B 88 -22.87 -28.61 16.09
C GLY B 88 -23.33 -27.20 16.37
N GLU B 89 -22.48 -26.35 16.92
CA GLU B 89 -22.84 -24.96 17.18
C GLU B 89 -22.78 -24.14 15.90
N GLN B 90 -23.71 -23.19 15.78
CA GLN B 90 -23.74 -22.35 14.58
C GLN B 90 -22.51 -21.45 14.49
N GLY B 91 -21.99 -21.00 15.64
CA GLY B 91 -20.81 -20.16 15.62
C GLY B 91 -19.59 -20.84 15.05
N GLN B 92 -19.37 -22.10 15.43
CA GLN B 92 -18.21 -22.82 14.93
C GLN B 92 -18.37 -23.21 13.47
N GLN B 93 -19.59 -23.51 13.03
CA GLN B 93 -19.84 -23.72 11.61
C GLN B 93 -19.53 -22.46 10.82
N ALA B 94 -19.95 -21.30 11.34
CA ALA B 94 -19.63 -20.03 10.69
C ALA B 94 -18.13 -19.78 10.68
N LEU B 95 -17.43 -20.15 11.75
CA LEU B 95 -15.98 -20.01 11.78
C LEU B 95 -15.29 -20.87 10.71
N LEU B 96 -15.75 -22.11 10.55
CA LEU B 96 -15.19 -22.97 9.51
C LEU B 96 -15.52 -22.45 8.11
N ALA B 97 -16.72 -21.92 7.91
CA ALA B 97 -17.05 -21.29 6.63
C ALA B 97 -16.18 -20.07 6.37
N TRP B 98 -15.90 -19.29 7.41
CA TRP B 98 -15.00 -18.15 7.28
C TRP B 98 -13.61 -18.59 6.86
N PHE B 99 -13.11 -19.68 7.44
CA PHE B 99 -11.81 -20.18 7.02
C PHE B 99 -11.83 -20.64 5.57
N ASN B 100 -12.87 -21.40 5.19
CA ASN B 100 -12.92 -21.97 3.84
C ASN B 100 -13.06 -20.87 2.79
N GLU B 101 -13.89 -19.87 3.03
CA GLU B 101 -14.13 -18.84 2.03
C GLU B 101 -12.88 -17.99 1.80
N GLY B 102 -12.25 -17.50 2.86
CA GLY B 102 -11.03 -16.75 2.74
C GLY B 102 -11.17 -15.24 2.77
N ASP B 103 -12.34 -14.72 3.12
CA ASP B 103 -12.54 -13.28 3.13
C ASP B 103 -12.06 -12.69 4.46
N THR B 104 -12.17 -11.37 4.57
CA THR B 104 -11.76 -10.62 5.74
C THR B 104 -12.99 -10.12 6.47
N ARG B 105 -13.13 -10.50 7.74
CA ARG B 105 -14.30 -10.13 8.53
C ARG B 105 -13.86 -9.45 9.82
N ALA B 106 -14.85 -8.86 10.50
CA ALA B 106 -14.60 -8.11 11.72
C ALA B 106 -14.97 -8.91 12.96
N TYR B 107 -14.14 -8.79 13.99
CA TYR B 107 -14.39 -9.46 15.26
C TYR B 107 -14.00 -8.54 16.41
N LYS B 108 -14.73 -8.65 17.51
CA LYS B 108 -14.51 -7.79 18.67
C LYS B 108 -14.27 -8.62 19.92
N ILE B 109 -13.49 -8.04 20.83
CA ILE B 109 -13.26 -8.56 22.16
C ILE B 109 -13.87 -7.58 23.15
N ARG B 110 -14.72 -8.08 24.03
CA ARG B 110 -15.43 -7.26 25.00
C ARG B 110 -14.92 -7.59 26.40
N PHE B 111 -14.46 -6.55 27.11
CA PHE B 111 -13.74 -6.61 28.37
C PHE B 111 -14.67 -6.35 29.55
N PRO B 112 -14.30 -6.83 30.75
CA PRO B 112 -15.20 -6.69 31.90
C PRO B 112 -15.40 -5.26 32.38
N ASN B 113 -14.63 -4.30 31.90
CA ASN B 113 -14.77 -2.91 32.34
C ASN B 113 -15.69 -2.09 31.45
N GLY B 114 -16.29 -2.68 30.44
CA GLY B 114 -17.22 -1.98 29.56
C GLY B 114 -16.64 -1.48 28.26
N THR B 115 -15.42 -1.85 27.91
CA THR B 115 -14.78 -1.42 26.69
C THR B 115 -14.71 -2.56 25.68
N VAL B 116 -14.37 -2.20 24.43
CA VAL B 116 -14.31 -3.16 23.34
C VAL B 116 -13.10 -2.87 22.47
N ASP B 117 -12.56 -3.93 21.88
CA ASP B 117 -11.51 -3.84 20.86
C ASP B 117 -12.04 -4.49 19.59
N VAL B 118 -11.84 -3.83 18.45
CA VAL B 118 -12.38 -4.31 17.17
C VAL B 118 -11.23 -4.49 16.20
N PHE B 119 -11.22 -5.65 15.51
CA PHE B 119 -10.21 -5.97 14.51
C PHE B 119 -10.90 -6.45 13.24
N ARG B 120 -10.15 -6.41 12.15
CA ARG B 120 -10.54 -7.04 10.89
C ARG B 120 -9.43 -7.98 10.47
N GLY B 121 -9.80 -9.20 10.07
CA GLY B 121 -8.78 -10.16 9.68
C GLY B 121 -9.33 -11.36 8.96
N TRP B 122 -8.43 -12.28 8.63
CA TRP B 122 -8.75 -13.55 7.99
C TRP B 122 -8.10 -14.70 8.75
N VAL B 123 -8.77 -15.84 8.74
CA VAL B 123 -8.32 -16.99 9.52
C VAL B 123 -7.14 -17.65 8.83
N SER B 124 -6.07 -17.93 9.58
CA SER B 124 -4.86 -18.51 9.02
C SER B 124 -4.50 -19.87 9.60
N SER B 125 -5.23 -20.36 10.59
CA SER B 125 -4.90 -21.66 11.19
C SER B 125 -6.11 -22.21 11.93
N ILE B 126 -6.32 -23.51 11.80
CA ILE B 126 -7.36 -24.24 12.52
C ILE B 126 -6.75 -25.55 13.02
N GLY B 127 -6.89 -25.83 14.32
CA GLY B 127 -6.28 -26.99 14.91
C GLY B 127 -7.21 -27.69 15.88
N LYS B 128 -6.72 -28.82 16.41
CA LYS B 128 -7.46 -29.62 17.37
C LYS B 128 -6.48 -30.38 18.25
N ALA B 129 -6.88 -30.59 19.51
CA ALA B 129 -6.11 -31.37 20.46
C ALA B 129 -7.00 -32.44 21.08
N VAL B 130 -6.53 -33.68 21.09
CA VAL B 130 -7.30 -34.82 21.58
C VAL B 130 -6.51 -35.46 22.71
N THR B 131 -7.12 -35.56 23.88
CA THR B 131 -6.55 -36.22 25.04
C THR B 131 -7.65 -36.96 25.78
N ALA B 132 -7.30 -38.09 26.38
CA ALA B 132 -8.31 -38.96 26.99
C ALA B 132 -8.99 -38.30 28.17
N LYS B 133 -8.25 -37.54 28.98
CA LYS B 133 -8.76 -37.00 30.23
C LYS B 133 -9.18 -35.54 30.14
N GLU B 134 -9.07 -34.91 28.98
CA GLU B 134 -9.37 -33.50 28.83
C GLU B 134 -10.31 -33.27 27.67
N VAL B 135 -11.15 -32.23 27.80
CA VAL B 135 -12.11 -31.88 26.77
C VAL B 135 -11.39 -31.50 25.49
N ILE B 136 -11.90 -32.00 24.35
CA ILE B 136 -11.31 -31.68 23.05
C ILE B 136 -11.45 -30.20 22.76
N THR B 137 -10.39 -29.59 22.27
CA THR B 137 -10.34 -28.15 22.04
C THR B 137 -10.13 -27.83 20.57
N ARG B 138 -10.63 -26.67 20.18
CA ARG B 138 -10.44 -26.11 18.84
C ARG B 138 -9.59 -24.85 18.95
N THR B 139 -8.49 -24.80 18.20
CA THR B 139 -7.55 -23.69 18.26
C THR B 139 -7.64 -22.89 16.97
N VAL B 140 -7.72 -21.56 17.09
CA VAL B 140 -7.93 -20.68 15.96
C VAL B 140 -6.91 -19.55 16.01
N LYS B 141 -6.39 -19.16 14.83
CA LYS B 141 -5.50 -18.02 14.67
C LYS B 141 -6.03 -17.15 13.54
N VAL B 142 -6.04 -15.84 13.76
CA VAL B 142 -6.53 -14.86 12.79
C VAL B 142 -5.45 -13.83 12.54
N THR B 143 -5.18 -13.56 11.25
CA THR B 143 -4.23 -12.54 10.86
C THR B 143 -4.99 -11.24 10.58
N ASN B 144 -4.56 -10.16 11.23
CA ASN B 144 -5.29 -8.90 11.20
C ASN B 144 -4.83 -8.02 10.05
N VAL B 145 -5.75 -7.22 9.52
CA VAL B 145 -5.51 -6.39 8.35
C VAL B 145 -5.94 -4.95 8.66
N GLY B 146 -5.04 -4.01 8.43
CA GLY B 146 -5.37 -2.60 8.55
C GLY B 146 -5.17 -2.04 9.95
N ARG B 147 -5.93 -0.98 10.23
CA ARG B 147 -5.83 -0.28 11.50
C ARG B 147 -6.99 -0.66 12.39
N PRO B 148 -6.75 -1.25 13.56
CA PRO B 148 -7.85 -1.63 14.44
C PRO B 148 -8.45 -0.44 15.17
N SER B 149 -9.51 -0.72 15.92
CA SER B 149 -10.22 0.29 16.71
C SER B 149 -10.08 -0.06 18.18
N MET B 150 -9.05 0.46 18.82
CA MET B 150 -8.79 0.19 20.23
C MET B 150 -9.79 0.93 21.10
N ALA B 151 -9.81 0.55 22.39
CA ALA B 151 -10.73 1.18 23.34
C ALA B 151 -10.38 2.65 23.58
N GLU B 152 -9.09 3.00 23.52
CA GLU B 152 -8.68 4.37 23.76
C GLU B 152 -9.26 5.34 22.74
N ASP B 153 -9.66 4.83 21.57
CA ASP B 153 -10.28 5.69 20.57
C ASP B 153 -11.66 6.16 21.02
N ARG B 154 -12.32 5.38 21.88
CA ARG B 154 -13.65 5.69 22.37
C ARG B 154 -13.64 6.21 23.80
N SER B 155 -12.50 6.72 24.27
CA SER B 155 -12.38 7.09 25.68
C SER B 155 -13.04 8.43 25.96
N THR B 156 -13.41 9.16 24.91
CA THR B 156 -14.06 10.46 25.07
C THR B 156 -15.41 10.33 25.77
#